data_8F5J
#
_entry.id   8F5J
#
_cell.length_a   132.27
_cell.length_b   132.27
_cell.length_c   121.7
_cell.angle_alpha   90
_cell.angle_beta   90
_cell.angle_gamma   120
#
_symmetry.space_group_name_H-M   'P 64 2 2'
#
loop_
_entity.id
_entity.type
_entity.pdbx_description
1 polymer '[3-methyl-2-oxobutanoate dehydrogenase [lipoamide]] kinase, mitochondrial'
2 non-polymer "ADENOSINE-5'-DIPHOSPHATE"
3 non-polymer 'MAGNESIUM ION'
4 non-polymer 'POTASSIUM ION'
5 non-polymer '3-chloro-5-fluorothieno[3,2-b]thiophene-2-carboxylic acid'
6 water water
#
_entity_poly.entity_id   1
_entity_poly.type   'polypeptide(L)'
_entity_poly.pdbx_seq_one_letter_code
;STSATDTHHVEMARERSKTVTSFYNQSAIDAAAEKPSVRLTPTMMLYAGRSQDGSHLLKSARYLQQELPVRIAHRIKGFR
CLPFIIGCNPTILHVHELYIRAFQKLTDFPPIKDQADEAQYCQLVRQLLDDHKDVVTLLAEGLRESRKHIEDEKLVRYFL
DKTLTSRLGIRMLATHHLALHEDKPDFVGIICTRLSPKKIIEKWVDFARRLCEHKYGNAPRVRINGHVAARFPFIPMPLD
YILPELLKNAMRATMESHLDTPYNVPDVVITIANNDVDLIIRISDRGGGIAHKDLDRVMDYHFTTAEASTQDPRISPLFG
HLDMHSGAQSGPMHGFGFGLPTSRAYAEYLGGSLQLQSLQGIGTDVYLRLRHIDGREESFRIHHHHHH
;
_entity_poly.pdbx_strand_id   A
#
loop_
_chem_comp.id
_chem_comp.type
_chem_comp.name
_chem_comp.formula
ADP non-polymer ADENOSINE-5'-DIPHOSPHATE 'C10 H15 N5 O10 P2'
K non-polymer 'POTASSIUM ION' 'K 1'
MG non-polymer 'MAGNESIUM ION' 'Mg 2'
XER non-polymer '3-chloro-5-fluorothieno[3,2-b]thiophene-2-carboxylic acid' 'C7 H2 Cl F O2 S2'
#
# COMPACT_ATOMS: atom_id res chain seq x y z
N GLN A 26 -24.63 5.47 14.11
CA GLN A 26 -24.35 6.30 15.29
C GLN A 26 -24.21 7.78 14.90
N SER A 27 -24.73 8.69 15.75
CA SER A 27 -24.67 10.15 15.50
C SER A 27 -23.26 10.72 15.64
N ALA A 28 -22.40 10.14 16.50
CA ALA A 28 -21.01 10.59 16.70
C ALA A 28 -20.22 10.49 15.38
N ILE A 29 -20.47 9.40 14.61
CA ILE A 29 -19.87 9.11 13.32
C ILE A 29 -20.27 10.18 12.31
N ASP A 30 -21.55 10.61 12.30
CA ASP A 30 -22.08 11.63 11.40
C ASP A 30 -21.38 12.99 11.59
N ALA A 31 -21.07 13.34 12.85
CA ALA A 31 -20.41 14.60 13.20
C ALA A 31 -18.96 14.68 12.71
N ALA A 32 -18.21 13.58 12.87
CA ALA A 32 -16.81 13.48 12.46
C ALA A 32 -16.62 13.24 10.95
N ALA A 33 -17.63 12.65 10.28
CA ALA A 33 -17.60 12.41 8.82
C ALA A 33 -17.67 13.72 7.99
N GLU A 34 -18.05 14.83 8.65
CA GLU A 34 -18.13 16.18 8.09
C GLU A 34 -16.81 16.94 8.35
N LYS A 35 -16.14 16.66 9.49
CA LYS A 35 -14.87 17.27 9.88
C LYS A 35 -13.80 17.00 8.81
N PRO A 36 -13.05 18.04 8.39
CA PRO A 36 -12.01 17.82 7.38
C PRO A 36 -10.77 17.17 7.98
N SER A 37 -10.15 16.22 7.25
CA SER A 37 -8.94 15.57 7.74
C SER A 37 -7.76 16.55 7.59
N VAL A 38 -6.90 16.62 8.60
CA VAL A 38 -5.72 17.49 8.59
C VAL A 38 -4.54 16.62 8.17
N ARG A 39 -4.09 16.74 6.91
CA ARG A 39 -3.02 15.92 6.37
C ARG A 39 -1.63 16.29 6.90
N LEU A 40 -0.89 15.28 7.34
CA LEU A 40 0.44 15.50 7.89
C LEU A 40 1.48 15.25 6.80
N THR A 41 2.35 16.24 6.55
CA THR A 41 3.40 16.14 5.52
C THR A 41 4.54 15.27 6.06
N PRO A 42 5.15 14.41 5.22
CA PRO A 42 6.29 13.62 5.71
C PRO A 42 7.43 14.47 6.29
N THR A 43 7.52 15.73 5.84
CA THR A 43 8.49 16.74 6.26
C THR A 43 8.09 17.27 7.66
N MET A 44 6.79 17.47 7.90
CA MET A 44 6.23 17.92 9.17
C MET A 44 6.49 16.87 10.27
N MET A 45 6.47 15.58 9.89
CA MET A 45 6.70 14.44 10.79
C MET A 45 8.13 14.46 11.40
N LEU A 46 9.12 14.95 10.61
CA LEU A 46 10.52 15.17 11.05
C LEU A 46 10.53 16.49 11.88
N TYR A 47 9.58 16.58 12.83
CA TYR A 47 9.23 17.61 13.80
C TYR A 47 10.35 18.60 14.10
N ASP A 53 12.27 14.06 26.25
CA ASP A 53 11.40 14.46 27.37
C ASP A 53 10.19 13.51 27.52
N GLY A 54 9.70 13.00 26.40
CA GLY A 54 8.52 12.14 26.42
C GLY A 54 7.24 12.92 26.14
N SER A 55 7.31 14.27 26.27
CA SER A 55 6.21 15.19 25.98
C SER A 55 5.87 15.21 24.49
N HIS A 56 6.81 14.77 23.61
CA HIS A 56 6.61 14.69 22.17
C HIS A 56 5.77 13.47 21.83
N LEU A 57 5.83 12.39 22.64
CA LEU A 57 4.99 11.20 22.45
C LEU A 57 3.56 11.53 22.82
N LEU A 58 3.36 12.34 23.86
CA LEU A 58 2.05 12.76 24.28
C LEU A 58 1.39 13.62 23.21
N LYS A 59 2.15 14.59 22.63
CA LYS A 59 1.66 15.47 21.55
C LYS A 59 1.26 14.63 20.33
N SER A 60 2.04 13.58 20.02
CA SER A 60 1.76 12.69 18.92
C SER A 60 0.51 11.84 19.17
N ALA A 61 0.37 11.25 20.37
CA ALA A 61 -0.78 10.42 20.73
C ALA A 61 -2.07 11.26 20.74
N ARG A 62 -1.97 12.50 21.24
CA ARG A 62 -3.09 13.43 21.26
C ARG A 62 -3.48 13.86 19.83
N TYR A 63 -2.50 13.99 18.93
CA TYR A 63 -2.75 14.36 17.55
C TYR A 63 -3.53 13.21 16.89
N LEU A 64 -3.05 11.98 17.08
CA LEU A 64 -3.64 10.77 16.56
C LEU A 64 -5.07 10.63 17.04
N GLN A 65 -5.31 10.90 18.30
CA GLN A 65 -6.63 10.78 18.89
C GLN A 65 -7.66 11.79 18.30
N GLN A 66 -7.20 12.87 17.71
CA GLN A 66 -8.06 13.84 17.04
C GLN A 66 -8.23 13.48 15.55
N GLU A 67 -7.15 12.98 14.93
CA GLU A 67 -7.08 12.67 13.51
C GLU A 67 -7.70 11.33 13.11
N LEU A 68 -7.37 10.26 13.84
CA LEU A 68 -7.86 8.93 13.50
C LEU A 68 -9.37 8.81 13.45
N PRO A 69 -10.17 9.24 14.45
CA PRO A 69 -11.63 9.07 14.33
C PRO A 69 -12.25 9.74 13.10
N VAL A 70 -11.70 10.87 12.66
CA VAL A 70 -12.17 11.58 11.47
C VAL A 70 -11.91 10.75 10.22
N ARG A 71 -10.72 10.15 10.12
CA ARG A 71 -10.37 9.32 8.97
C ARG A 71 -11.20 8.03 8.99
N ILE A 72 -11.43 7.43 10.18
CA ILE A 72 -12.28 6.23 10.30
C ILE A 72 -13.72 6.56 9.87
N ALA A 73 -14.25 7.71 10.30
CA ALA A 73 -15.61 8.16 9.98
C ALA A 73 -15.82 8.39 8.48
N HIS A 74 -14.80 8.90 7.78
CA HIS A 74 -14.90 9.07 6.33
C HIS A 74 -14.97 7.70 5.63
N ARG A 75 -14.35 6.64 6.21
CA ARG A 75 -14.41 5.29 5.68
C ARG A 75 -15.80 4.71 5.89
N ILE A 76 -16.36 4.90 7.10
CA ILE A 76 -17.71 4.47 7.43
C ILE A 76 -18.75 5.11 6.49
N LYS A 77 -18.54 6.38 6.13
CA LYS A 77 -19.39 7.09 5.18
C LYS A 77 -19.32 6.41 3.80
N GLY A 78 -18.13 5.97 3.41
CA GLY A 78 -17.89 5.24 2.17
C GLY A 78 -18.64 3.93 2.10
N PHE A 79 -18.70 3.16 3.21
CA PHE A 79 -19.45 1.90 3.31
C PHE A 79 -20.96 2.15 3.27
N ARG A 80 -21.41 3.23 3.93
CA ARG A 80 -22.82 3.62 3.93
C ARG A 80 -23.32 4.03 2.55
N CYS A 81 -22.42 4.56 1.72
CA CYS A 81 -22.70 5.03 0.36
C CYS A 81 -22.54 3.95 -0.70
N LEU A 82 -22.04 2.75 -0.34
CA LEU A 82 -21.91 1.64 -1.29
C LEU A 82 -23.29 1.23 -1.75
N PRO A 83 -23.43 0.77 -3.00
CA PRO A 83 -24.74 0.28 -3.46
C PRO A 83 -25.28 -0.78 -2.52
N PHE A 84 -26.55 -0.71 -2.21
CA PHE A 84 -27.22 -1.59 -1.26
C PHE A 84 -26.87 -3.09 -1.42
N ILE A 85 -26.97 -3.65 -2.65
CA ILE A 85 -26.63 -5.04 -2.96
C ILE A 85 -25.16 -5.40 -2.56
N ILE A 86 -24.24 -4.43 -2.61
CA ILE A 86 -22.84 -4.65 -2.25
C ILE A 86 -22.65 -4.48 -0.75
N GLY A 87 -23.23 -3.45 -0.16
CA GLY A 87 -23.15 -3.24 1.28
C GLY A 87 -23.75 -4.36 2.11
N CYS A 88 -24.70 -5.10 1.52
CA CYS A 88 -25.40 -6.23 2.13
C CYS A 88 -24.55 -7.49 2.23
N ASN A 89 -23.47 -7.59 1.43
CA ASN A 89 -22.60 -8.75 1.42
C ASN A 89 -22.02 -8.98 2.82
N PRO A 90 -22.12 -10.21 3.35
CA PRO A 90 -21.69 -10.44 4.75
C PRO A 90 -20.21 -10.15 5.04
N THR A 91 -19.34 -10.30 4.04
CA THR A 91 -17.92 -9.99 4.18
C THR A 91 -17.75 -8.46 4.18
N ILE A 92 -18.49 -7.75 3.30
CA ILE A 92 -18.45 -6.29 3.25
C ILE A 92 -19.05 -5.71 4.58
N LEU A 93 -20.11 -6.33 5.10
CA LEU A 93 -20.73 -5.95 6.36
C LEU A 93 -19.76 -6.13 7.52
N HIS A 94 -18.95 -7.20 7.49
CA HIS A 94 -17.94 -7.47 8.50
C HIS A 94 -16.88 -6.36 8.56
N VAL A 95 -16.38 -5.89 7.40
CA VAL A 95 -15.40 -4.81 7.29
C VAL A 95 -16.04 -3.49 7.77
N HIS A 96 -17.30 -3.23 7.38
CA HIS A 96 -18.05 -2.04 7.80
C HIS A 96 -18.12 -2.01 9.36
N GLU A 97 -18.49 -3.15 9.98
CA GLU A 97 -18.58 -3.33 11.43
C GLU A 97 -17.24 -3.14 12.12
N LEU A 98 -16.14 -3.58 11.49
CA LEU A 98 -14.79 -3.43 12.03
C LEU A 98 -14.44 -1.95 12.15
N TYR A 99 -14.75 -1.17 11.11
CA TYR A 99 -14.51 0.27 11.10
C TYR A 99 -15.34 1.01 12.15
N ILE A 100 -16.61 0.59 12.37
CA ILE A 100 -17.46 1.16 13.41
C ILE A 100 -16.85 0.86 14.77
N ARG A 101 -16.40 -0.37 14.97
CA ARG A 101 -15.76 -0.81 16.20
C ARG A 101 -14.49 0.02 16.47
N ALA A 102 -13.66 0.26 15.45
CA ALA A 102 -12.42 1.08 15.56
C ALA A 102 -12.74 2.53 15.98
N PHE A 103 -13.80 3.12 15.43
CA PHE A 103 -14.22 4.47 15.77
C PHE A 103 -14.70 4.49 17.23
N GLN A 104 -15.51 3.48 17.64
CA GLN A 104 -16.03 3.38 19.00
C GLN A 104 -14.88 3.27 19.99
N LYS A 105 -13.94 2.33 19.78
CA LYS A 105 -12.79 2.13 20.66
C LYS A 105 -11.90 3.36 20.75
N LEU A 106 -11.61 4.03 19.62
CA LEU A 106 -10.78 5.23 19.64
C LEU A 106 -11.49 6.43 20.32
N THR A 107 -12.80 6.65 20.06
CA THR A 107 -13.50 7.78 20.67
C THR A 107 -13.82 7.55 22.15
N ASP A 108 -14.05 6.29 22.56
CA ASP A 108 -14.33 5.97 23.97
C ASP A 108 -13.07 6.07 24.82
N PHE A 109 -11.86 6.00 24.23
CA PHE A 109 -10.62 6.10 24.98
C PHE A 109 -10.52 7.47 25.66
N PRO A 110 -10.22 7.47 26.98
CA PRO A 110 -10.20 8.74 27.72
C PRO A 110 -9.04 9.64 27.32
N PRO A 111 -9.19 10.99 27.45
CA PRO A 111 -8.06 11.89 27.14
C PRO A 111 -6.72 11.45 27.73
N ILE A 112 -5.66 11.49 26.94
CA ILE A 112 -4.33 11.06 27.38
C ILE A 112 -3.69 12.19 28.20
N LYS A 113 -3.59 11.99 29.51
CA LYS A 113 -3.04 13.03 30.40
C LYS A 113 -1.55 12.82 30.70
N ASP A 114 -1.15 11.56 30.82
CA ASP A 114 0.19 11.21 31.22
C ASP A 114 0.79 10.09 30.34
N GLN A 115 2.00 9.62 30.70
CA GLN A 115 2.74 8.55 30.06
C GLN A 115 2.06 7.17 30.23
N ALA A 116 1.33 6.98 31.33
CA ALA A 116 0.63 5.73 31.61
C ALA A 116 -0.55 5.57 30.67
N ASP A 117 -1.31 6.68 30.42
CA ASP A 117 -2.44 6.70 29.49
C ASP A 117 -1.92 6.48 28.07
N GLU A 118 -0.78 7.11 27.74
CA GLU A 118 -0.10 7.01 26.44
C GLU A 118 0.38 5.56 26.19
N ALA A 119 0.80 4.84 27.23
CA ALA A 119 1.22 3.45 27.08
C ALA A 119 0.00 2.57 26.83
N GLN A 120 -1.14 2.86 27.50
CA GLN A 120 -2.40 2.15 27.28
C GLN A 120 -2.90 2.40 25.86
N TYR A 121 -2.77 3.64 25.35
CA TYR A 121 -3.19 4.00 24.00
C TYR A 121 -2.44 3.20 22.97
N CYS A 122 -1.11 3.03 23.14
CA CYS A 122 -0.24 2.26 22.24
C CYS A 122 -0.70 0.83 22.07
N GLN A 123 -1.16 0.21 23.17
CA GLN A 123 -1.65 -1.16 23.17
C GLN A 123 -2.92 -1.28 22.34
N LEU A 124 -3.82 -0.25 22.38
CA LEU A 124 -5.06 -0.20 21.58
C LEU A 124 -4.72 -0.03 20.06
N VAL A 125 -3.81 0.90 19.71
CA VAL A 125 -3.40 1.16 18.33
C VAL A 125 -2.79 -0.09 17.71
N ARG A 126 -1.97 -0.83 18.50
CA ARG A 126 -1.31 -2.07 18.12
C ARG A 126 -2.36 -3.17 17.88
N GLN A 127 -3.38 -3.23 18.73
CA GLN A 127 -4.47 -4.21 18.59
C GLN A 127 -5.29 -3.92 17.30
N LEU A 128 -5.64 -2.64 17.05
CA LEU A 128 -6.38 -2.23 15.86
C LEU A 128 -5.56 -2.43 14.59
N LEU A 129 -4.22 -2.27 14.65
CA LEU A 129 -3.36 -2.53 13.51
C LEU A 129 -3.44 -4.03 13.13
N ASP A 130 -3.49 -4.91 14.13
CA ASP A 130 -3.58 -6.35 13.89
C ASP A 130 -5.00 -6.79 13.46
N ASP A 131 -6.04 -6.20 14.09
CA ASP A 131 -7.44 -6.50 13.80
C ASP A 131 -7.80 -6.16 12.33
N HIS A 132 -7.15 -5.15 11.76
CA HIS A 132 -7.43 -4.71 10.40
C HIS A 132 -6.38 -5.16 9.38
N LYS A 133 -5.43 -6.07 9.76
CA LYS A 133 -4.33 -6.52 8.88
C LYS A 133 -4.78 -7.12 7.54
N ASP A 134 -5.95 -7.81 7.54
CA ASP A 134 -6.53 -8.48 6.38
C ASP A 134 -7.68 -7.75 5.69
N VAL A 135 -7.92 -6.46 6.00
CA VAL A 135 -9.03 -5.68 5.44
C VAL A 135 -9.03 -5.74 3.88
N VAL A 136 -7.85 -5.61 3.23
CA VAL A 136 -7.73 -5.68 1.76
C VAL A 136 -8.17 -7.05 1.21
N THR A 137 -7.87 -8.12 1.93
CA THR A 137 -8.27 -9.46 1.54
C THR A 137 -9.78 -9.63 1.66
N LEU A 138 -10.35 -9.20 2.79
CA LEU A 138 -11.78 -9.27 3.05
C LEU A 138 -12.58 -8.42 2.05
N LEU A 139 -12.06 -7.24 1.66
CA LEU A 139 -12.75 -6.37 0.72
C LEU A 139 -12.79 -7.02 -0.65
N ALA A 140 -11.66 -7.59 -1.08
CA ALA A 140 -11.55 -8.30 -2.35
C ALA A 140 -12.54 -9.46 -2.43
N GLU A 141 -12.69 -10.23 -1.33
CA GLU A 141 -13.61 -11.37 -1.28
C GLU A 141 -15.04 -10.90 -1.41
N GLY A 142 -15.42 -9.92 -0.58
CA GLY A 142 -16.77 -9.40 -0.59
C GLY A 142 -17.18 -8.82 -1.92
N LEU A 143 -16.30 -8.05 -2.54
CA LEU A 143 -16.57 -7.43 -3.82
C LEU A 143 -16.51 -8.37 -5.00
N ARG A 144 -15.73 -9.44 -4.90
CA ARG A 144 -15.51 -10.40 -6.00
C ARG A 144 -16.78 -10.77 -6.78
N GLU A 145 -17.83 -11.20 -6.08
CA GLU A 145 -19.08 -11.59 -6.73
C GLU A 145 -20.11 -10.47 -6.82
N SER A 146 -20.25 -9.67 -5.75
CA SER A 146 -21.26 -8.63 -5.65
C SER A 146 -21.14 -7.48 -6.66
N ARG A 147 -19.91 -7.15 -7.13
CA ARG A 147 -19.62 -6.10 -8.11
C ARG A 147 -20.36 -6.34 -9.46
N LYS A 148 -20.51 -7.63 -9.82
CA LYS A 148 -21.19 -8.14 -11.04
C LYS A 148 -22.71 -7.87 -11.04
N HIS A 149 -23.25 -7.24 -9.99
CA HIS A 149 -24.67 -6.93 -9.86
C HIS A 149 -24.96 -5.41 -9.91
N ILE A 150 -23.97 -4.60 -10.34
CA ILE A 150 -24.09 -3.15 -10.33
C ILE A 150 -24.07 -2.48 -11.74
N GLU A 151 -24.58 -1.22 -11.79
CA GLU A 151 -24.71 -0.36 -12.98
C GLU A 151 -23.46 0.51 -13.27
N ASP A 152 -22.70 0.87 -12.21
CA ASP A 152 -21.49 1.70 -12.33
C ASP A 152 -20.22 0.93 -11.98
N GLU A 153 -19.43 0.63 -13.01
CA GLU A 153 -18.15 -0.09 -12.95
C GLU A 153 -17.09 0.78 -12.24
N LYS A 154 -17.09 2.08 -12.60
CA LYS A 154 -16.19 3.11 -12.08
C LYS A 154 -16.34 3.29 -10.57
N LEU A 155 -17.55 3.05 -10.03
CA LEU A 155 -17.90 3.21 -8.63
C LEU A 155 -17.04 2.33 -7.71
N VAL A 156 -16.91 1.03 -8.04
CA VAL A 156 -16.13 0.11 -7.22
C VAL A 156 -14.64 0.50 -7.20
N ARG A 157 -14.10 0.93 -8.34
CA ARG A 157 -12.73 1.42 -8.44
C ARG A 157 -12.54 2.65 -7.55
N TYR A 158 -13.51 3.56 -7.55
CA TYR A 158 -13.43 4.77 -6.73
C TYR A 158 -13.47 4.42 -5.23
N PHE A 159 -14.35 3.50 -4.86
CA PHE A 159 -14.46 3.04 -3.48
C PHE A 159 -13.14 2.37 -3.03
N LEU A 160 -12.58 1.46 -3.85
CA LEU A 160 -11.33 0.79 -3.48
C LEU A 160 -10.13 1.74 -3.45
N ASP A 161 -10.00 2.63 -4.44
CA ASP A 161 -8.91 3.61 -4.44
C ASP A 161 -8.96 4.48 -3.19
N LYS A 162 -10.16 4.97 -2.84
CA LYS A 162 -10.36 5.84 -1.68
C LYS A 162 -10.17 5.08 -0.37
N THR A 163 -10.77 3.88 -0.22
CA THR A 163 -10.65 3.10 1.01
C THR A 163 -9.23 2.65 1.29
N LEU A 164 -8.56 2.05 0.29
CA LEU A 164 -7.22 1.52 0.48
C LEU A 164 -6.15 2.58 0.72
N THR A 165 -6.25 3.74 0.06
CA THR A 165 -5.26 4.80 0.25
C THR A 165 -5.46 5.47 1.61
N SER A 166 -6.72 5.65 2.04
CA SER A 166 -7.01 6.22 3.35
C SER A 166 -6.54 5.28 4.44
N ARG A 167 -6.74 3.97 4.25
CA ARG A 167 -6.26 2.95 5.18
C ARG A 167 -4.74 2.98 5.26
N LEU A 168 -4.05 3.19 4.13
CA LEU A 168 -2.60 3.28 4.10
C LEU A 168 -2.15 4.51 4.93
N GLY A 169 -2.87 5.63 4.82
CA GLY A 169 -2.57 6.83 5.56
C GLY A 169 -2.77 6.62 7.06
N ILE A 170 -3.84 5.90 7.45
CA ILE A 170 -4.16 5.54 8.85
C ILE A 170 -3.05 4.67 9.44
N ARG A 171 -2.62 3.65 8.69
CA ARG A 171 -1.58 2.72 9.08
C ARG A 171 -0.23 3.39 9.24
N MET A 172 0.12 4.33 8.33
CA MET A 172 1.37 5.05 8.44
C MET A 172 1.36 5.93 9.70
N LEU A 173 0.24 6.61 9.99
CA LEU A 173 0.12 7.43 11.18
C LEU A 173 0.26 6.59 12.46
N ALA A 174 -0.44 5.44 12.49
CA ALA A 174 -0.44 4.51 13.62
C ALA A 174 0.94 3.92 13.81
N THR A 175 1.58 3.39 12.75
CA THR A 175 2.91 2.80 12.82
C THR A 175 3.95 3.84 13.20
N HIS A 176 3.81 5.10 12.70
CA HIS A 176 4.77 6.15 13.02
C HIS A 176 4.79 6.45 14.51
N HIS A 177 3.60 6.56 15.13
CA HIS A 177 3.49 6.81 16.56
C HIS A 177 4.11 5.70 17.39
N LEU A 178 3.81 4.45 17.06
CA LEU A 178 4.38 3.32 17.78
C LEU A 178 5.89 3.26 17.63
N ALA A 179 6.39 3.58 16.42
CA ALA A 179 7.81 3.59 16.10
C ALA A 179 8.60 4.75 16.77
N LEU A 180 7.89 5.80 17.22
CA LEU A 180 8.51 6.91 17.95
C LEU A 180 9.02 6.45 19.34
N HIS A 181 8.55 5.28 19.83
CA HIS A 181 8.98 4.66 21.09
C HIS A 181 10.27 3.84 20.88
N GLU A 182 10.51 3.32 19.68
CA GLU A 182 11.70 2.52 19.36
C GLU A 182 12.93 3.41 19.12
N ASP A 183 14.12 2.80 19.04
CA ASP A 183 15.34 3.54 18.78
C ASP A 183 16.15 2.87 17.70
N LYS A 184 15.59 2.80 16.48
CA LYS A 184 16.31 2.22 15.36
C LYS A 184 17.27 3.30 14.84
N PRO A 185 18.52 2.96 14.48
CA PRO A 185 19.39 3.97 13.86
C PRO A 185 18.92 4.25 12.42
N ASP A 186 19.09 5.51 11.98
CA ASP A 186 18.65 6.00 10.67
C ASP A 186 17.13 6.09 10.56
N PHE A 187 16.39 6.10 11.67
CA PHE A 187 14.93 6.18 11.64
C PHE A 187 14.35 7.10 12.70
N VAL A 188 13.46 8.01 12.28
CA VAL A 188 12.66 8.87 13.15
C VAL A 188 11.22 8.33 12.93
N GLY A 189 10.78 7.42 13.78
CA GLY A 189 9.49 6.75 13.62
C GLY A 189 9.62 5.82 12.42
N ILE A 190 8.76 6.03 11.39
CA ILE A 190 8.80 5.27 10.13
C ILE A 190 9.59 5.97 9.02
N ILE A 191 10.10 7.19 9.27
CA ILE A 191 10.89 7.90 8.27
C ILE A 191 12.32 7.46 8.37
N CYS A 192 12.87 6.95 7.26
CA CYS A 192 14.27 6.59 7.20
C CYS A 192 15.00 7.83 6.75
N THR A 193 15.99 8.29 7.49
CA THR A 193 16.72 9.50 7.16
C THR A 193 17.78 9.32 6.07
N ARG A 194 18.20 8.07 5.78
CA ARG A 194 19.22 7.74 4.81
C ARG A 194 18.78 6.51 3.99
N LEU A 195 17.59 6.54 3.43
CA LEU A 195 17.07 5.41 2.65
C LEU A 195 17.83 5.18 1.39
N SER A 196 18.30 3.95 1.19
CA SER A 196 18.96 3.59 -0.05
C SER A 196 17.95 2.82 -0.92
N PRO A 197 17.58 3.34 -2.11
CA PRO A 197 16.65 2.57 -2.98
C PRO A 197 17.22 1.20 -3.41
N LYS A 198 18.54 1.11 -3.66
CA LYS A 198 19.16 -0.15 -4.03
C LYS A 198 18.95 -1.23 -2.94
N LYS A 199 19.19 -0.88 -1.66
CA LYS A 199 19.01 -1.80 -0.55
C LYS A 199 17.56 -2.27 -0.40
N ILE A 200 16.58 -1.35 -0.46
CA ILE A 200 15.18 -1.75 -0.30
C ILE A 200 14.71 -2.60 -1.49
N ILE A 201 15.19 -2.29 -2.70
CA ILE A 201 14.88 -3.10 -3.88
C ILE A 201 15.48 -4.51 -3.70
N GLU A 202 16.75 -4.63 -3.27
CA GLU A 202 17.40 -5.92 -3.08
C GLU A 202 16.70 -6.79 -2.05
N LYS A 203 16.18 -6.20 -0.97
CA LYS A 203 15.44 -6.93 0.08
C LYS A 203 14.23 -7.62 -0.56
N TRP A 204 13.49 -6.89 -1.42
CA TRP A 204 12.31 -7.42 -2.08
C TRP A 204 12.60 -8.30 -3.30
N VAL A 205 13.79 -8.17 -3.91
CA VAL A 205 14.21 -9.06 -5.00
C VAL A 205 14.45 -10.46 -4.42
N ASP A 206 15.08 -10.53 -3.23
CA ASP A 206 15.35 -11.80 -2.56
C ASP A 206 14.04 -12.52 -2.21
N PHE A 207 13.04 -11.76 -1.74
CA PHE A 207 11.73 -12.26 -1.37
C PHE A 207 11.03 -12.84 -2.62
N ALA A 208 11.01 -12.07 -3.73
CA ALA A 208 10.39 -12.49 -4.96
C ALA A 208 11.11 -13.70 -5.59
N ARG A 209 12.46 -13.72 -5.62
CA ARG A 209 13.21 -14.85 -6.17
C ARG A 209 12.91 -16.13 -5.41
N ARG A 210 12.70 -16.06 -4.10
CA ARG A 210 12.38 -17.24 -3.31
C ARG A 210 10.98 -17.77 -3.65
N LEU A 211 9.99 -16.89 -3.80
CA LEU A 211 8.64 -17.30 -4.16
C LEU A 211 8.63 -17.91 -5.57
N CYS A 212 9.39 -17.29 -6.48
CA CYS A 212 9.54 -17.70 -7.86
C CYS A 212 10.28 -19.04 -7.96
N GLU A 213 11.39 -19.20 -7.24
CA GLU A 213 12.15 -20.45 -7.24
C GLU A 213 11.33 -21.59 -6.65
N HIS A 214 10.45 -21.31 -5.70
CA HIS A 214 9.64 -22.35 -5.09
C HIS A 214 8.60 -22.88 -6.10
N LYS A 215 8.05 -22.02 -6.97
CA LYS A 215 7.05 -22.40 -7.94
C LYS A 215 7.65 -22.99 -9.24
N TYR A 216 8.77 -22.45 -9.72
CA TYR A 216 9.34 -22.86 -10.99
C TYR A 216 10.68 -23.60 -10.93
N GLY A 217 11.35 -23.56 -9.78
CA GLY A 217 12.68 -24.16 -9.63
C GLY A 217 13.82 -23.25 -10.07
N ASN A 218 13.46 -22.10 -10.65
CA ASN A 218 14.39 -21.08 -11.15
C ASN A 218 13.68 -19.71 -11.15
N ALA A 219 14.47 -18.65 -11.08
CA ALA A 219 13.97 -17.27 -11.06
C ALA A 219 14.91 -16.41 -11.91
N PRO A 220 14.37 -15.34 -12.55
CA PRO A 220 15.23 -14.46 -13.34
C PRO A 220 16.21 -13.69 -12.46
N ARG A 221 17.43 -13.56 -12.93
CA ARG A 221 18.47 -12.81 -12.24
C ARG A 221 18.08 -11.33 -12.32
N VAL A 222 18.24 -10.56 -11.24
CA VAL A 222 17.90 -9.14 -11.28
C VAL A 222 19.15 -8.26 -11.28
N ARG A 223 19.27 -7.39 -12.29
CA ARG A 223 20.38 -6.43 -12.35
C ARG A 223 19.86 -5.05 -11.99
N ILE A 224 20.59 -4.31 -11.15
CA ILE A 224 20.21 -2.96 -10.71
C ILE A 224 21.26 -1.94 -11.18
N ASN A 225 20.84 -0.92 -11.93
CA ASN A 225 21.73 0.11 -12.43
C ASN A 225 21.17 1.54 -12.17
N GLY A 226 21.87 2.56 -12.66
CA GLY A 226 21.49 3.95 -12.41
C GLY A 226 22.13 4.47 -11.13
N HIS A 227 21.41 5.29 -10.38
CA HIS A 227 21.85 5.89 -9.14
C HIS A 227 21.84 4.92 -7.97
N VAL A 228 22.68 3.90 -8.07
CA VAL A 228 22.83 2.83 -7.10
C VAL A 228 23.33 3.32 -5.74
N ALA A 229 24.00 4.49 -5.70
CA ALA A 229 24.54 5.03 -4.44
C ALA A 229 23.63 6.03 -3.74
N ALA A 230 22.48 6.34 -4.31
CA ALA A 230 21.52 7.29 -3.76
C ALA A 230 21.09 6.95 -2.35
N ARG A 231 20.98 7.99 -1.51
CA ARG A 231 20.54 7.93 -0.11
C ARG A 231 19.81 9.23 0.20
N PHE A 232 18.63 9.15 0.81
CA PHE A 232 17.81 10.34 1.08
C PHE A 232 16.67 10.01 2.05
N PRO A 233 16.14 11.01 2.78
CA PRO A 233 14.99 10.76 3.66
C PRO A 233 13.81 10.21 2.88
N PHE A 234 13.18 9.16 3.39
CA PHE A 234 12.06 8.53 2.73
C PHE A 234 11.32 7.59 3.68
N ILE A 235 10.01 7.40 3.43
CA ILE A 235 9.21 6.47 4.20
C ILE A 235 9.14 5.14 3.42
N PRO A 236 9.77 4.07 3.95
CA PRO A 236 9.76 2.78 3.24
C PRO A 236 8.40 2.07 3.09
N MET A 237 7.49 2.22 4.07
CA MET A 237 6.19 1.55 4.10
C MET A 237 5.48 1.43 2.72
N PRO A 238 5.20 2.52 1.95
CA PRO A 238 4.61 2.33 0.61
C PRO A 238 5.44 1.43 -0.35
N LEU A 239 6.79 1.59 -0.37
CA LEU A 239 7.69 0.76 -1.18
C LEU A 239 7.63 -0.70 -0.75
N ASP A 240 7.39 -0.97 0.53
CA ASP A 240 7.26 -2.31 1.08
C ASP A 240 6.01 -3.02 0.53
N TYR A 241 5.00 -2.27 0.05
CA TYR A 241 3.87 -2.90 -0.62
C TYR A 241 4.12 -2.98 -2.15
N ILE A 242 4.47 -1.85 -2.79
CA ILE A 242 4.61 -1.73 -4.23
C ILE A 242 5.73 -2.60 -4.82
N LEU A 243 6.94 -2.53 -4.26
CA LEU A 243 8.06 -3.30 -4.80
C LEU A 243 7.83 -4.83 -4.90
N PRO A 244 7.38 -5.59 -3.86
CA PRO A 244 7.15 -7.03 -4.07
C PRO A 244 6.09 -7.30 -5.13
N GLU A 245 5.07 -6.42 -5.24
CA GLU A 245 4.04 -6.59 -6.25
C GLU A 245 4.60 -6.55 -7.65
N LEU A 246 5.34 -5.49 -7.99
CA LEU A 246 5.88 -5.32 -9.32
C LEU A 246 6.94 -6.41 -9.63
N LEU A 247 7.71 -6.82 -8.63
CA LEU A 247 8.73 -7.84 -8.81
C LEU A 247 8.12 -9.22 -9.04
N LYS A 248 7.02 -9.54 -8.33
CA LYS A 248 6.30 -10.80 -8.52
C LYS A 248 5.75 -10.86 -9.95
N ASN A 249 5.19 -9.74 -10.45
CA ASN A 249 4.64 -9.61 -11.81
C ASN A 249 5.72 -9.81 -12.89
N ALA A 250 6.88 -9.14 -12.73
CA ALA A 250 8.00 -9.26 -13.68
C ALA A 250 8.57 -10.66 -13.69
N MET A 251 8.63 -11.31 -12.53
CA MET A 251 9.17 -12.66 -12.44
C MET A 251 8.23 -13.71 -12.97
N ARG A 252 6.95 -13.56 -12.66
CA ARG A 252 5.94 -14.48 -13.14
C ARG A 252 5.83 -14.40 -14.67
N ALA A 253 5.81 -13.19 -15.23
CA ALA A 253 5.73 -12.99 -16.69
C ALA A 253 6.92 -13.59 -17.43
N THR A 254 8.12 -13.46 -16.84
CA THR A 254 9.33 -14.01 -17.45
C THR A 254 9.25 -15.54 -17.47
N MET A 255 8.79 -16.17 -16.36
CA MET A 255 8.74 -17.63 -16.30
C MET A 255 7.66 -18.20 -17.19
N GLU A 256 6.48 -17.56 -17.19
CA GLU A 256 5.35 -17.97 -18.01
C GLU A 256 5.59 -17.83 -19.52
N SER A 257 6.46 -16.90 -19.92
CA SER A 257 6.81 -16.70 -21.32
C SER A 257 8.00 -17.59 -21.79
N HIS A 258 8.66 -18.29 -20.86
CA HIS A 258 9.80 -19.15 -21.16
C HIS A 258 9.59 -20.56 -20.59
N LEU A 259 8.36 -21.07 -20.68
CA LEU A 259 8.03 -22.42 -20.21
C LEU A 259 8.82 -23.50 -20.96
N ASP A 260 9.31 -23.19 -22.17
CA ASP A 260 10.06 -24.12 -22.99
C ASP A 260 11.57 -24.17 -22.66
N THR A 261 12.10 -23.11 -22.02
CA THR A 261 13.48 -23.03 -21.55
C THR A 261 13.48 -22.47 -20.10
N PRO A 262 12.89 -23.18 -19.10
CA PRO A 262 12.86 -22.63 -17.73
C PRO A 262 14.24 -22.47 -17.05
N TYR A 263 15.25 -23.15 -17.61
CA TYR A 263 16.64 -23.15 -17.17
C TYR A 263 17.46 -22.01 -17.80
N ASN A 264 16.85 -21.18 -18.67
CA ASN A 264 17.52 -20.07 -19.34
C ASN A 264 16.52 -18.96 -19.54
N VAL A 265 16.32 -18.15 -18.51
CA VAL A 265 15.38 -17.04 -18.59
C VAL A 265 16.12 -15.69 -18.61
N PRO A 266 15.56 -14.67 -19.32
CA PRO A 266 16.24 -13.38 -19.38
C PRO A 266 16.16 -12.59 -18.07
N ASP A 267 17.18 -11.77 -17.78
CA ASP A 267 17.23 -10.94 -16.57
C ASP A 267 16.13 -9.88 -16.47
N VAL A 268 15.79 -9.49 -15.24
CA VAL A 268 14.92 -8.36 -14.98
C VAL A 268 15.88 -7.20 -14.67
N VAL A 269 15.71 -6.04 -15.33
CA VAL A 269 16.62 -4.91 -15.16
C VAL A 269 15.92 -3.75 -14.47
N ILE A 270 16.47 -3.33 -13.33
CA ILE A 270 15.94 -2.23 -12.54
C ILE A 270 16.86 -1.00 -12.57
N THR A 271 16.32 0.18 -12.98
CA THR A 271 17.09 1.41 -13.07
C THR A 271 16.57 2.37 -12.03
N ILE A 272 17.49 2.94 -11.23
CA ILE A 272 17.15 3.94 -10.22
C ILE A 272 17.58 5.30 -10.79
N ALA A 273 16.66 6.26 -10.80
CA ALA A 273 16.95 7.62 -11.24
C ALA A 273 16.51 8.53 -10.10
N ASN A 274 17.44 9.31 -9.57
CA ASN A 274 17.20 10.20 -8.45
C ASN A 274 17.49 11.66 -8.83
N ASN A 275 16.49 12.51 -8.64
CA ASN A 275 16.63 13.93 -8.92
C ASN A 275 16.01 14.75 -7.77
N ASP A 276 16.09 16.08 -7.80
CA ASP A 276 15.56 16.91 -6.73
C ASP A 276 14.06 16.76 -6.55
N VAL A 277 13.31 16.45 -7.62
CA VAL A 277 11.85 16.37 -7.56
C VAL A 277 11.31 15.01 -7.11
N ASP A 278 11.77 13.92 -7.75
CA ASP A 278 11.26 12.60 -7.45
C ASP A 278 12.32 11.52 -7.58
N LEU A 279 11.97 10.34 -7.09
CA LEU A 279 12.71 9.11 -7.25
C LEU A 279 11.93 8.31 -8.32
N ILE A 280 12.64 7.81 -9.34
CA ILE A 280 12.03 6.98 -10.38
C ILE A 280 12.68 5.60 -10.30
N ILE A 281 11.87 4.53 -10.30
CA ILE A 281 12.36 3.14 -10.34
C ILE A 281 11.71 2.50 -11.56
N ARG A 282 12.52 2.08 -12.54
CA ARG A 282 12.02 1.41 -13.74
C ARG A 282 12.34 -0.09 -13.64
N ILE A 283 11.33 -0.94 -13.80
CA ILE A 283 11.49 -2.39 -13.79
C ILE A 283 11.17 -2.89 -15.21
N SER A 284 12.22 -3.33 -15.92
CA SER A 284 12.08 -3.83 -17.28
C SER A 284 12.21 -5.32 -17.28
N ASP A 285 11.27 -6.03 -17.90
CA ASP A 285 11.33 -7.46 -18.00
C ASP A 285 11.25 -7.85 -19.48
N ARG A 286 11.60 -9.11 -19.77
CA ARG A 286 11.50 -9.69 -21.09
C ARG A 286 10.46 -10.83 -21.02
N GLY A 287 9.30 -10.52 -20.45
CA GLY A 287 8.23 -11.47 -20.22
C GLY A 287 7.12 -11.54 -21.25
N GLY A 288 7.36 -11.00 -22.44
CA GLY A 288 6.39 -11.05 -23.52
C GLY A 288 5.45 -9.88 -23.67
N GLY A 289 5.36 -9.05 -22.64
CA GLY A 289 4.49 -7.88 -22.66
C GLY A 289 3.08 -8.17 -22.20
N ILE A 290 2.27 -7.14 -22.09
CA ILE A 290 0.86 -7.27 -21.76
C ILE A 290 0.11 -7.18 -23.08
N ALA A 291 -0.66 -8.23 -23.47
CA ALA A 291 -1.38 -8.30 -24.74
C ALA A 291 -2.31 -7.12 -24.95
N HIS A 292 -2.54 -6.76 -26.22
CA HIS A 292 -3.41 -5.64 -26.58
C HIS A 292 -4.85 -5.79 -26.02
N LYS A 293 -5.40 -7.01 -26.05
CA LYS A 293 -6.74 -7.31 -25.53
C LYS A 293 -6.86 -7.06 -24.00
N ASP A 294 -5.77 -7.35 -23.25
CA ASP A 294 -5.70 -7.24 -21.79
C ASP A 294 -5.23 -5.88 -21.26
N LEU A 295 -4.62 -5.07 -22.11
CA LEU A 295 -4.03 -3.78 -21.72
C LEU A 295 -4.96 -2.81 -21.01
N ASP A 296 -6.21 -2.75 -21.45
CA ASP A 296 -7.18 -1.82 -20.87
C ASP A 296 -7.87 -2.35 -19.60
N ARG A 297 -7.52 -3.56 -19.16
CA ARG A 297 -8.11 -4.18 -18.00
C ARG A 297 -7.08 -4.47 -16.89
N VAL A 298 -5.76 -4.40 -17.17
CA VAL A 298 -4.72 -4.74 -16.18
C VAL A 298 -4.79 -3.87 -14.93
N MET A 299 -5.22 -2.61 -15.08
CA MET A 299 -5.36 -1.69 -13.96
C MET A 299 -6.73 -1.77 -13.24
N ASP A 300 -7.60 -2.70 -13.66
CA ASP A 300 -8.88 -2.90 -12.99
C ASP A 300 -8.65 -3.82 -11.80
N TYR A 301 -9.41 -3.62 -10.73
CA TYR A 301 -9.34 -4.51 -9.57
C TYR A 301 -9.97 -5.86 -9.97
N HIS A 302 -9.45 -6.95 -9.39
CA HIS A 302 -9.89 -8.33 -9.61
C HIS A 302 -9.35 -8.93 -10.91
N PHE A 303 -8.99 -8.07 -11.91
CA PHE A 303 -8.44 -8.55 -13.17
C PHE A 303 -7.07 -9.21 -13.02
N THR A 304 -7.00 -10.46 -13.45
CA THR A 304 -5.78 -11.28 -13.44
C THR A 304 -5.86 -12.30 -14.58
N THR A 305 -4.69 -12.63 -15.18
CA THR A 305 -4.62 -13.66 -16.22
C THR A 305 -4.21 -15.04 -15.65
N ALA A 306 -4.19 -15.19 -14.31
CA ALA A 306 -3.86 -16.44 -13.64
C ALA A 306 -5.08 -17.40 -13.56
N PRO A 332 -1.84 -17.08 -5.01
CA PRO A 332 -0.84 -18.16 -4.98
C PRO A 332 0.37 -17.82 -5.84
N MET A 333 1.16 -16.85 -5.32
CA MET A 333 2.34 -16.19 -5.88
C MET A 333 1.92 -14.89 -6.57
N HIS A 334 0.76 -14.88 -7.27
CA HIS A 334 0.30 -13.65 -7.94
C HIS A 334 -0.51 -12.73 -6.99
N GLY A 335 -1.53 -13.30 -6.36
CA GLY A 335 -2.41 -12.58 -5.46
C GLY A 335 -3.88 -12.78 -5.83
N PHE A 336 -4.58 -11.67 -6.09
CA PHE A 336 -6.01 -11.70 -6.42
C PHE A 336 -6.42 -10.53 -7.36
N GLY A 337 -5.49 -10.11 -8.21
CA GLY A 337 -5.71 -9.04 -9.16
C GLY A 337 -5.70 -7.66 -8.54
N PHE A 338 -5.09 -7.52 -7.34
CA PHE A 338 -5.06 -6.24 -6.66
C PHE A 338 -3.75 -5.50 -6.75
N GLY A 339 -2.66 -6.23 -7.00
CA GLY A 339 -1.31 -5.67 -7.06
C GLY A 339 -1.13 -4.40 -7.87
N LEU A 340 -1.52 -4.43 -9.15
CA LEU A 340 -1.38 -3.27 -10.04
C LEU A 340 -2.29 -2.08 -9.67
N PRO A 341 -3.64 -2.24 -9.54
CA PRO A 341 -4.46 -1.06 -9.21
C PRO A 341 -4.15 -0.44 -7.84
N THR A 342 -3.84 -1.28 -6.83
CA THR A 342 -3.48 -0.81 -5.50
C THR A 342 -2.16 -0.03 -5.54
N SER A 343 -1.14 -0.57 -6.23
CA SER A 343 0.16 0.10 -6.32
C SER A 343 0.04 1.48 -6.99
N ARG A 344 -0.82 1.60 -8.00
CA ARG A 344 -1.04 2.88 -8.69
C ARG A 344 -1.76 3.86 -7.77
N ALA A 345 -2.78 3.40 -7.04
CA ALA A 345 -3.51 4.25 -6.10
C ALA A 345 -2.56 4.75 -4.99
N TYR A 346 -1.69 3.88 -4.49
CA TYR A 346 -0.73 4.25 -3.46
C TYR A 346 0.25 5.29 -3.94
N ALA A 347 0.80 5.09 -5.16
CA ALA A 347 1.79 6.00 -5.75
C ALA A 347 1.16 7.36 -5.99
N GLU A 348 -0.07 7.42 -6.50
CA GLU A 348 -0.77 8.70 -6.73
C GLU A 348 -1.14 9.40 -5.45
N TYR A 349 -1.56 8.64 -4.42
CA TYR A 349 -1.87 9.16 -3.07
C TYR A 349 -0.65 9.87 -2.47
N LEU A 350 0.56 9.39 -2.77
CA LEU A 350 1.79 9.95 -2.25
C LEU A 350 2.49 10.92 -3.24
N GLY A 351 1.70 11.56 -4.10
CA GLY A 351 2.20 12.54 -5.07
C GLY A 351 3.03 12.02 -6.22
N GLY A 352 2.93 10.73 -6.50
CA GLY A 352 3.67 10.11 -7.59
C GLY A 352 2.78 9.46 -8.62
N SER A 353 3.30 8.41 -9.29
CA SER A 353 2.58 7.72 -10.35
C SER A 353 3.12 6.31 -10.57
N LEU A 354 2.31 5.46 -11.26
CA LEU A 354 2.72 4.13 -11.66
C LEU A 354 2.31 4.00 -13.11
N GLN A 355 3.28 3.93 -14.02
CA GLN A 355 2.99 3.86 -15.45
C GLN A 355 3.61 2.65 -16.12
N LEU A 356 2.90 2.09 -17.10
CA LEU A 356 3.38 0.91 -17.81
C LEU A 356 3.57 1.21 -19.30
N GLN A 357 4.59 0.55 -19.91
CA GLN A 357 4.86 0.61 -21.34
C GLN A 357 5.04 -0.84 -21.78
N SER A 358 4.10 -1.36 -22.57
CA SER A 358 4.10 -2.73 -23.03
C SER A 358 4.70 -2.86 -24.41
N LEU A 359 5.62 -3.80 -24.58
CA LEU A 359 6.23 -4.11 -25.87
C LEU A 359 5.79 -5.52 -26.18
N GLN A 360 4.59 -5.66 -26.73
CA GLN A 360 4.02 -6.95 -27.05
C GLN A 360 4.95 -7.81 -27.93
N GLY A 361 5.24 -9.00 -27.42
CA GLY A 361 6.15 -9.96 -28.03
C GLY A 361 7.52 -9.94 -27.38
N ILE A 362 7.84 -8.90 -26.59
CA ILE A 362 9.13 -8.70 -25.96
C ILE A 362 9.06 -8.58 -24.43
N GLY A 363 8.41 -7.54 -23.90
CA GLY A 363 8.39 -7.32 -22.46
C GLY A 363 7.64 -6.09 -22.04
N THR A 364 7.77 -5.72 -20.78
CA THR A 364 7.07 -4.58 -20.21
C THR A 364 8.03 -3.79 -19.36
N ASP A 365 7.94 -2.44 -19.45
CA ASP A 365 8.66 -1.50 -18.60
C ASP A 365 7.65 -0.85 -17.66
N VAL A 366 7.90 -0.93 -16.36
CA VAL A 366 7.03 -0.34 -15.34
C VAL A 366 7.81 0.79 -14.71
N TYR A 367 7.19 1.98 -14.62
CA TYR A 367 7.79 3.18 -14.05
C TYR A 367 7.08 3.62 -12.79
N LEU A 368 7.76 3.47 -11.66
CA LEU A 368 7.27 3.91 -10.36
C LEU A 368 7.92 5.26 -10.05
N ARG A 369 7.12 6.31 -9.86
CA ARG A 369 7.61 7.64 -9.52
C ARG A 369 7.07 8.02 -8.16
N LEU A 370 7.97 8.43 -7.25
CA LEU A 370 7.59 8.85 -5.90
C LEU A 370 8.28 10.19 -5.57
N ARG A 371 7.47 11.15 -5.15
CA ARG A 371 7.93 12.49 -4.76
C ARG A 371 8.88 12.41 -3.56
N HIS A 372 9.90 13.28 -3.54
CA HIS A 372 10.85 13.35 -2.42
C HIS A 372 10.24 14.08 -1.20
N ILE A 373 10.85 13.88 0.00
CA ILE A 373 10.47 14.58 1.23
C ILE A 373 11.13 15.96 1.15
N ASP A 374 10.39 17.02 1.43
CA ASP A 374 10.90 18.39 1.32
C ASP A 374 11.71 18.88 2.55
PB ADP B . -2.12 -10.40 -10.29
O1B ADP B . -0.64 -10.36 -9.79
O2B ADP B . -2.94 -11.07 -9.19
O3B ADP B . -2.28 -11.10 -11.59
PA ADP B . -2.06 -7.52 -11.01
O1A ADP B . -0.79 -7.10 -10.36
O2A ADP B . -3.15 -6.47 -10.80
O3A ADP B . -2.62 -8.88 -10.35
O5' ADP B . -1.89 -7.67 -12.60
C5' ADP B . -2.96 -7.96 -13.53
C4' ADP B . -2.39 -8.59 -14.78
O4' ADP B . -1.44 -7.70 -15.38
C3' ADP B . -1.59 -9.87 -14.58
O3' ADP B . -2.40 -11.02 -14.32
C2' ADP B . -0.79 -9.94 -15.88
O2' ADP B . -1.52 -10.48 -16.97
C1' ADP B . -0.52 -8.46 -16.16
N9 ADP B . 0.84 -8.01 -15.89
C8 ADP B . 1.28 -7.17 -14.90
N7 ADP B . 2.57 -6.90 -14.94
C5 ADP B . 3.01 -7.63 -16.04
C6 ADP B . 4.28 -7.78 -16.63
N6 ADP B . 5.41 -7.25 -16.13
N1 ADP B . 4.37 -8.54 -17.74
C2 ADP B . 3.27 -9.13 -18.21
N3 ADP B . 2.03 -9.10 -17.71
C4 ADP B . 1.97 -8.32 -16.62
MG MG C . 0.60 -8.68 -8.79
K K D . -5.54 -5.97 -11.83
C4 XER E . -7.39 1.18 11.30
C7 XER E . -6.68 -0.27 9.24
C1 XER E . -4.93 1.61 13.93
C2 XER E . -5.55 1.16 12.72
C3 XER E . -6.84 1.64 12.53
C5 XER E . -6.55 0.38 10.58
S6 XER E . -5.04 0.15 11.39
O8 XER E . -5.74 -0.86 8.74
O9 XER E . -7.82 -0.15 8.62
CL XER E . -8.98 1.70 10.87
S10 XER E . -7.33 2.66 13.85
C11 XER E . -5.78 2.40 14.58
F12 XER E . -5.53 3.03 15.74
HC1 XER E . -3.94 1.32 14.24
#